data_5CAD
#
_entry.id   5CAD
#
_cell.length_a   119.330
_cell.length_b   119.330
_cell.length_c   158.190
_cell.angle_alpha   90.000
_cell.angle_beta   90.000
_cell.angle_gamma   120.000
#
_symmetry.space_group_name_H-M   'H 3 2'
#
loop_
_entity.id
_entity.type
_entity.pdbx_description
1 polymer 'SM80.1 Vicilin'
2 non-polymer 'MAGNESIUM ION'
3 non-polymer 'ACETATE ION'
4 non-polymer 'PYROGLUTAMIC ACID'
5 water water
#
_entity_poly.entity_id   1
_entity_poly.type   'polypeptide(L)'
_entity_poly.pdbx_seq_one_letter_code
;PQREQQESNVPYLFKVVRFKSRFRASHGDFRILPKFVQRSQLLRGIEKFRVSVIELEPQSFMLPHHCDGEAIFVVVKGQG
VIVIAEQDKNNSFNLQKGDVLRLHGGSTIFLLNADANEKFKVYVLAKSVNAPGEVQEYFSAGGQNPESFYRAFVVDILES
AFNVKRDKIERLFSQQKAGAIISASGAQAAAKAGHASAAGGAAAAARVAGPFNLMKEVPEFGSAFGQFQEAAPQRHVQLR
DLDAAVAFMNINSGGMVLPYYNSRSTRVVAVVEGNARFEMACPHLGA(UNK)(UNK)(UNK)(UNK)(UNK)(UNK)
(UNK)(UNK)(UNK)AVVHYAKVRGNLNVGDVLVIPAGHPITFVAVAGSDFRVVGFGIDAEHNKKNFLAGKQNIWRNIDR
EAKELSFDMPGAEVEEIFAKQILSYFVAGPA
;
_entity_poly.pdbx_strand_id   A
#
loop_
_chem_comp.id
_chem_comp.type
_chem_comp.name
_chem_comp.formula
ACT non-polymer 'ACETATE ION' 'C2 H3 O2 -1'
MG non-polymer 'MAGNESIUM ION' 'Mg 2'
#
# COMPACT_ATOMS: atom_id res chain seq x y z
N GLN A 5 1.96 -20.50 -16.67
CA GLN A 5 1.67 -19.74 -15.42
C GLN A 5 0.42 -20.10 -14.64
N GLN A 6 0.40 -21.27 -14.00
CA GLN A 6 -0.72 -21.68 -13.17
C GLN A 6 -0.34 -20.67 -12.13
N GLU A 7 -1.27 -19.80 -11.78
CA GLU A 7 -0.94 -18.70 -10.89
C GLU A 7 -0.23 -18.86 -9.55
N SER A 8 -0.38 -19.99 -8.87
CA SER A 8 0.31 -20.20 -7.61
C SER A 8 1.80 -20.36 -7.91
N ASN A 9 2.16 -20.54 -9.18
CA ASN A 9 3.56 -20.70 -9.61
C ASN A 9 4.23 -19.39 -10.03
N VAL A 10 3.44 -18.31 -10.17
CA VAL A 10 3.96 -16.98 -10.54
C VAL A 10 4.37 -16.37 -9.22
N PRO A 11 5.67 -16.36 -8.91
CA PRO A 11 6.12 -15.81 -7.64
C PRO A 11 5.82 -14.36 -7.29
N TYR A 12 5.54 -13.54 -8.28
CA TYR A 12 5.26 -12.13 -8.06
C TYR A 12 3.81 -11.86 -7.73
N LEU A 13 2.96 -12.85 -7.94
CA LEU A 13 1.54 -12.71 -7.69
C LEU A 13 1.14 -13.22 -6.32
N PHE A 14 0.42 -12.39 -5.56
CA PHE A 14 -0.04 -12.78 -4.23
C PHE A 14 -1.54 -12.55 -4.19
N LYS A 15 -2.30 -13.64 -4.32
CA LYS A 15 -3.75 -13.55 -4.33
C LYS A 15 -4.26 -13.06 -2.97
N VAL A 16 -5.40 -12.40 -2.99
CA VAL A 16 -5.99 -11.85 -1.78
C VAL A 16 -6.14 -12.86 -0.64
N VAL A 17 -6.41 -14.12 -0.97
CA VAL A 17 -6.59 -15.10 0.09
C VAL A 17 -5.29 -15.41 0.83
N ARG A 18 -4.16 -14.93 0.32
CA ARG A 18 -2.90 -15.17 1.01
C ARG A 18 -2.70 -14.23 2.19
N PHE A 19 -3.50 -13.16 2.26
CA PHE A 19 -3.38 -12.26 3.40
C PHE A 19 -3.95 -13.03 4.58
N LYS A 20 -3.23 -12.99 5.71
CA LYS A 20 -3.64 -13.72 6.92
C LYS A 20 -4.14 -12.79 8.03
N SER A 21 -5.34 -13.05 8.57
CA SER A 21 -5.86 -12.22 9.67
C SER A 21 -4.98 -12.42 10.87
N ARG A 22 -4.66 -11.33 11.55
CA ARG A 22 -3.82 -11.40 12.74
C ARG A 22 -4.65 -11.65 14.01
N PHE A 23 -5.96 -11.48 13.90
CA PHE A 23 -6.86 -11.70 15.02
C PHE A 23 -8.28 -11.87 14.50
N ARG A 24 -9.17 -12.36 15.37
CA ARG A 24 -10.57 -12.55 15.01
C ARG A 24 -11.30 -11.41 15.64
N ALA A 25 -11.74 -10.47 14.82
CA ALA A 25 -12.45 -9.30 15.32
C ALA A 25 -13.84 -9.23 14.74
N SER A 26 -14.80 -8.82 15.57
CA SER A 26 -16.17 -8.74 15.11
C SER A 26 -16.44 -7.57 14.16
N HIS A 27 -15.84 -6.43 14.44
CA HIS A 27 -16.09 -5.24 13.64
C HIS A 27 -15.08 -4.81 12.58
N GLY A 28 -14.30 -5.77 12.11
CA GLY A 28 -13.31 -5.45 11.10
C GLY A 28 -12.29 -6.55 10.98
N ASP A 29 -11.15 -6.21 10.39
CA ASP A 29 -10.10 -7.19 10.22
C ASP A 29 -8.79 -6.47 9.97
N PHE A 30 -7.72 -7.19 10.23
CA PHE A 30 -6.38 -6.70 9.98
C PHE A 30 -5.71 -7.93 9.43
N ARG A 31 -5.38 -7.91 8.15
CA ARG A 31 -4.71 -9.05 7.55
C ARG A 31 -3.44 -8.63 6.86
N ILE A 32 -2.44 -9.49 6.99
CA ILE A 32 -1.12 -9.20 6.46
C ILE A 32 -0.60 -10.30 5.56
N LEU A 33 0.05 -9.89 4.49
CA LEU A 33 0.62 -10.84 3.55
C LEU A 33 1.87 -11.43 4.18
N PRO A 34 2.21 -12.68 3.83
CA PRO A 34 3.41 -13.27 4.41
C PRO A 34 4.63 -12.53 3.91
N LYS A 35 5.80 -12.82 4.49
CA LYS A 35 7.03 -12.19 4.03
C LYS A 35 7.13 -12.47 2.54
N PHE A 36 7.66 -11.51 1.77
CA PHE A 36 7.75 -11.70 0.32
C PHE A 36 8.65 -12.85 -0.12
N VAL A 37 9.56 -13.25 0.76
CA VAL A 37 10.48 -14.33 0.48
C VAL A 37 9.92 -15.69 0.87
N GLN A 38 8.67 -15.73 1.34
CA GLN A 38 8.06 -17.00 1.75
C GLN A 38 8.17 -18.10 0.67
N ARG A 39 7.86 -17.77 -0.58
CA ARG A 39 7.94 -18.77 -1.66
C ARG A 39 9.00 -18.51 -2.72
N SER A 40 9.75 -17.42 -2.61
CA SER A 40 10.78 -17.13 -3.60
C SER A 40 11.87 -16.19 -3.15
N GLN A 41 13.11 -16.57 -3.45
CA GLN A 41 14.24 -15.73 -3.09
C GLN A 41 14.35 -14.56 -4.06
N LEU A 42 13.54 -14.58 -5.13
CA LEU A 42 13.58 -13.49 -6.10
C LEU A 42 13.16 -12.18 -5.46
N LEU A 43 12.46 -12.28 -4.34
CA LEU A 43 11.97 -11.10 -3.63
C LEU A 43 12.79 -10.69 -2.41
N ARG A 44 14.00 -11.24 -2.29
CA ARG A 44 14.86 -10.93 -1.16
C ARG A 44 15.22 -9.44 -1.06
N GLY A 45 15.18 -8.74 -2.19
CA GLY A 45 15.48 -7.33 -2.21
C GLY A 45 14.45 -6.48 -1.50
N ILE A 46 13.30 -7.06 -1.18
CA ILE A 46 12.26 -6.32 -0.45
C ILE A 46 11.82 -7.08 0.81
N GLU A 47 12.68 -7.97 1.28
CA GLU A 47 12.39 -8.80 2.46
C GLU A 47 11.96 -8.06 3.73
N LYS A 48 12.41 -6.83 3.93
CA LYS A 48 12.05 -6.12 5.15
C LYS A 48 10.66 -5.51 5.13
N PHE A 49 10.03 -5.50 3.96
CA PHE A 49 8.71 -4.91 3.83
C PHE A 49 7.53 -5.88 3.90
N ARG A 50 6.41 -5.39 4.42
CA ARG A 50 5.20 -6.19 4.50
C ARG A 50 4.04 -5.30 4.10
N VAL A 51 3.03 -5.88 3.46
CA VAL A 51 1.84 -5.10 3.16
C VAL A 51 0.67 -5.75 3.86
N SER A 52 -0.27 -4.92 4.26
CA SER A 52 -1.44 -5.40 4.98
C SER A 52 -2.65 -4.54 4.66
N VAL A 53 -3.80 -4.98 5.16
CA VAL A 53 -5.03 -4.25 4.97
C VAL A 53 -5.75 -4.18 6.31
N ILE A 54 -6.32 -3.01 6.60
CA ILE A 54 -7.09 -2.79 7.81
C ILE A 54 -8.47 -2.41 7.33
N GLU A 55 -9.48 -3.13 7.81
CA GLU A 55 -10.86 -2.89 7.45
C GLU A 55 -11.67 -2.63 8.70
N LEU A 56 -12.43 -1.54 8.72
CA LEU A 56 -13.28 -1.24 9.87
C LEU A 56 -14.70 -1.11 9.40
N GLU A 57 -15.60 -1.87 10.02
CA GLU A 57 -17.01 -1.82 9.68
C GLU A 57 -17.51 -0.46 10.18
N PRO A 58 -18.72 -0.06 9.76
CA PRO A 58 -19.28 1.22 10.22
C PRO A 58 -19.35 1.23 11.73
N GLN A 59 -19.27 2.42 12.33
CA GLN A 59 -19.37 2.58 13.78
C GLN A 59 -18.52 1.57 14.56
N SER A 60 -17.22 1.55 14.26
CA SER A 60 -16.32 0.64 14.94
C SER A 60 -15.07 1.34 15.46
N PHE A 61 -14.37 0.64 16.34
CA PHE A 61 -13.18 1.17 17.00
C PHE A 61 -12.11 0.09 17.12
N MET A 62 -10.89 0.40 16.66
CA MET A 62 -9.79 -0.55 16.80
C MET A 62 -8.99 -0.09 18.02
N LEU A 63 -8.78 -1.01 18.95
CA LEU A 63 -8.08 -0.75 20.20
C LEU A 63 -6.63 -0.25 20.10
N PRO A 64 -6.21 0.59 21.06
CA PRO A 64 -4.84 1.12 21.07
C PRO A 64 -3.78 0.03 20.99
N HIS A 65 -2.79 0.24 20.13
CA HIS A 65 -1.69 -0.70 19.95
C HIS A 65 -0.60 0.00 19.18
N HIS A 66 0.61 -0.55 19.21
CA HIS A 66 1.70 0.01 18.43
C HIS A 66 2.30 -1.15 17.66
N CYS A 67 3.14 -0.82 16.68
CA CYS A 67 3.80 -1.84 15.88
C CYS A 67 5.28 -1.54 15.88
N ASP A 68 6.08 -2.56 15.58
CA ASP A 68 7.52 -2.37 15.53
C ASP A 68 7.99 -2.22 14.10
N GLY A 69 7.15 -1.59 13.28
CA GLY A 69 7.48 -1.35 11.88
C GLY A 69 7.14 0.08 11.54
N GLU A 70 7.92 0.69 10.65
CA GLU A 70 7.69 2.06 10.19
C GLU A 70 6.63 1.85 9.11
N ALA A 71 5.53 2.59 9.18
CA ALA A 71 4.44 2.37 8.24
C ALA A 71 3.96 3.54 7.41
N ILE A 72 3.25 3.22 6.34
CA ILE A 72 2.63 4.23 5.50
C ILE A 72 1.21 3.71 5.32
N PHE A 73 0.25 4.51 5.75
CA PHE A 73 -1.17 4.16 5.65
C PHE A 73 -1.74 4.89 4.45
N VAL A 74 -2.51 4.19 3.62
CA VAL A 74 -3.16 4.81 2.46
C VAL A 74 -4.63 4.45 2.53
N VAL A 75 -5.51 5.46 2.62
CA VAL A 75 -6.93 5.17 2.70
C VAL A 75 -7.46 4.87 1.32
N VAL A 76 -8.01 3.67 1.13
CA VAL A 76 -8.53 3.32 -0.17
C VAL A 76 -10.06 3.42 -0.26
N LYS A 77 -10.72 3.45 0.89
CA LYS A 77 -12.18 3.52 0.91
C LYS A 77 -12.70 4.08 2.22
N GLY A 78 -13.75 4.88 2.15
CA GLY A 78 -14.36 5.42 3.35
C GLY A 78 -13.64 6.53 4.11
N GLN A 79 -14.02 6.69 5.37
CA GLN A 79 -13.44 7.70 6.23
C GLN A 79 -13.22 7.13 7.62
N GLY A 80 -12.15 7.54 8.26
CA GLY A 80 -11.88 7.07 9.60
C GLY A 80 -10.95 8.03 10.31
N VAL A 81 -10.99 7.99 11.64
CA VAL A 81 -10.16 8.88 12.43
C VAL A 81 -9.04 8.10 13.07
N ILE A 82 -7.81 8.57 12.88
CA ILE A 82 -6.69 7.92 13.51
C ILE A 82 -6.21 8.81 14.63
N VAL A 83 -5.97 8.26 15.81
CA VAL A 83 -5.44 9.12 16.84
C VAL A 83 -4.13 8.45 17.24
N ILE A 84 -3.11 9.28 17.37
CA ILE A 84 -1.77 8.85 17.68
C ILE A 84 -1.31 9.39 19.02
N ALA A 85 -0.88 8.49 19.90
CA ALA A 85 -0.45 8.88 21.23
C ALA A 85 1.02 8.63 21.51
N GLU A 86 1.82 9.69 21.53
CA GLU A 86 3.22 9.50 21.83
C GLU A 86 3.46 9.83 23.30
N GLN A 87 4.70 9.75 23.75
CA GLN A 87 5.02 10.02 25.15
C GLN A 87 4.68 11.45 25.55
N ASP A 88 4.83 12.37 24.62
CA ASP A 88 4.63 13.79 24.89
C ASP A 88 3.82 14.55 23.86
N LYS A 89 2.93 13.87 23.15
CA LYS A 89 2.19 14.55 22.10
C LYS A 89 1.00 13.69 21.71
N ASN A 90 -0.05 14.36 21.25
CA ASN A 90 -1.27 13.69 20.84
C ASN A 90 -1.63 14.27 19.49
N ASN A 91 -2.02 13.41 18.56
CA ASN A 91 -2.41 13.88 17.23
C ASN A 91 -3.59 13.05 16.76
N SER A 92 -4.57 13.68 16.16
CA SER A 92 -5.68 12.92 15.62
C SER A 92 -6.04 13.53 14.28
N PHE A 93 -6.28 12.67 13.32
CA PHE A 93 -6.61 13.11 11.97
C PHE A 93 -7.84 12.41 11.42
N ASN A 94 -8.70 13.16 10.74
CA ASN A 94 -9.88 12.58 10.12
C ASN A 94 -9.50 12.27 8.69
N LEU A 95 -9.22 11.01 8.45
CA LEU A 95 -8.79 10.53 7.14
C LEU A 95 -9.89 10.24 6.14
N GLN A 96 -9.60 10.53 4.88
CA GLN A 96 -10.54 10.31 3.79
C GLN A 96 -9.83 9.59 2.65
N LYS A 97 -10.62 9.09 1.70
CA LYS A 97 -10.09 8.36 0.55
C LYS A 97 -8.96 9.12 -0.15
N GLY A 98 -7.84 8.43 -0.36
CA GLY A 98 -6.70 9.04 -1.01
C GLY A 98 -5.66 9.58 -0.05
N ASP A 99 -6.00 9.72 1.22
CA ASP A 99 -5.04 10.23 2.19
C ASP A 99 -3.88 9.27 2.40
N VAL A 100 -2.69 9.83 2.52
CA VAL A 100 -1.46 9.08 2.76
C VAL A 100 -0.89 9.61 4.08
N LEU A 101 -0.56 8.70 4.98
CA LEU A 101 -0.01 9.10 6.28
C LEU A 101 1.17 8.25 6.66
N ARG A 102 2.28 8.89 6.98
CA ARG A 102 3.47 8.17 7.41
C ARG A 102 3.33 8.04 8.93
N LEU A 103 3.42 6.81 9.43
CA LEU A 103 3.30 6.57 10.86
C LEU A 103 4.60 6.01 11.40
N HIS A 104 5.23 6.74 12.32
CA HIS A 104 6.48 6.29 12.90
C HIS A 104 6.29 5.00 13.66
N GLY A 105 7.29 4.12 13.58
CA GLY A 105 7.21 2.87 14.30
C GLY A 105 7.09 3.18 15.78
N GLY A 106 6.37 2.35 16.53
CA GLY A 106 6.24 2.59 17.95
C GLY A 106 5.17 3.58 18.36
N SER A 107 4.43 4.10 17.38
CA SER A 107 3.37 5.04 17.69
C SER A 107 2.13 4.27 18.11
N THR A 108 1.59 4.61 19.27
CA THR A 108 0.40 3.94 19.75
C THR A 108 -0.79 4.60 19.06
N ILE A 109 -1.55 3.80 18.34
CA ILE A 109 -2.68 4.35 17.61
C ILE A 109 -3.98 3.62 17.84
N PHE A 110 -5.07 4.31 17.60
CA PHE A 110 -6.37 3.64 17.58
C PHE A 110 -7.12 4.28 16.43
N LEU A 111 -8.09 3.53 15.93
CA LEU A 111 -8.86 3.94 14.78
C LEU A 111 -10.34 3.93 15.04
N LEU A 112 -11.04 4.85 14.40
CA LEU A 112 -12.49 4.98 14.56
C LEU A 112 -13.19 5.20 13.24
N ASN A 113 -14.19 4.37 12.94
CA ASN A 113 -14.96 4.59 11.73
C ASN A 113 -16.29 5.08 12.28
N ALA A 114 -16.54 6.38 12.11
CA ALA A 114 -17.76 7.00 12.62
C ALA A 114 -18.94 6.93 11.65
N ASP A 115 -18.69 6.52 10.42
CA ASP A 115 -19.77 6.45 9.45
C ASP A 115 -20.80 5.38 9.81
N ALA A 116 -22.06 5.63 9.45
CA ALA A 116 -23.12 4.69 9.77
C ALA A 116 -23.28 3.57 8.74
N ASN A 117 -22.68 3.73 7.56
CA ASN A 117 -22.86 2.74 6.50
C ASN A 117 -21.65 2.23 5.72
N GLU A 118 -20.69 3.13 5.52
CA GLU A 118 -19.51 2.81 4.72
C GLU A 118 -18.33 2.25 5.49
N LYS A 119 -17.73 1.19 4.95
CA LYS A 119 -16.55 0.60 5.59
C LYS A 119 -15.37 1.52 5.32
N PHE A 120 -14.36 1.43 6.18
CA PHE A 120 -13.14 2.22 6.10
C PHE A 120 -12.03 1.20 5.82
N LYS A 121 -11.37 1.36 4.68
CA LYS A 121 -10.30 0.44 4.28
C LYS A 121 -8.98 1.15 4.07
N VAL A 122 -7.93 0.59 4.68
CA VAL A 122 -6.58 1.16 4.60
C VAL A 122 -5.60 0.10 4.08
N TYR A 123 -4.75 0.49 3.13
CA TYR A 123 -3.71 -0.38 2.57
C TYR A 123 -2.46 0.15 3.28
N VAL A 124 -1.71 -0.76 3.89
CA VAL A 124 -0.54 -0.41 4.68
C VAL A 124 0.77 -1.03 4.22
N LEU A 125 1.84 -0.24 4.22
CA LEU A 125 3.18 -0.72 3.90
C LEU A 125 3.94 -0.58 5.21
N ALA A 126 4.65 -1.61 5.64
CA ALA A 126 5.43 -1.48 6.87
C ALA A 126 6.82 -2.04 6.61
N LYS A 127 7.81 -1.46 7.29
CA LYS A 127 9.18 -1.92 7.14
C LYS A 127 9.67 -2.33 8.52
N SER A 128 10.25 -3.52 8.61
CA SER A 128 10.74 -4.01 9.89
C SER A 128 11.96 -3.26 10.41
N VAL A 129 12.13 -3.29 11.74
CA VAL A 129 13.31 -2.69 12.37
C VAL A 129 13.96 -3.77 13.25
N ASN A 130 13.26 -4.89 13.46
CA ASN A 130 13.82 -6.00 14.23
C ASN A 130 14.27 -7.08 13.23
N ALA A 131 13.87 -8.34 13.36
CA ALA A 131 14.31 -9.34 12.37
C ALA A 131 13.73 -8.93 11.01
N PRO A 132 14.49 -9.09 9.92
CA PRO A 132 13.99 -8.70 8.60
C PRO A 132 12.60 -9.22 8.24
N GLY A 133 11.71 -8.28 7.91
CA GLY A 133 10.37 -8.61 7.51
C GLY A 133 9.40 -8.95 8.63
N GLU A 134 9.88 -9.02 9.87
CA GLU A 134 8.98 -9.34 10.96
C GLU A 134 8.39 -8.08 11.57
N VAL A 135 7.07 -7.92 11.45
CA VAL A 135 6.38 -6.76 12.02
C VAL A 135 5.24 -7.26 12.89
N GLN A 136 5.31 -6.94 14.17
CA GLN A 136 4.33 -7.37 15.16
C GLN A 136 3.53 -6.24 15.78
N GLU A 137 2.34 -6.59 16.27
CA GLU A 137 1.46 -5.63 16.91
C GLU A 137 1.55 -5.84 18.43
N TYR A 138 1.57 -4.74 19.16
CA TYR A 138 1.66 -4.75 20.61
C TYR A 138 0.43 -4.05 21.18
N PHE A 139 -0.51 -4.82 21.69
CA PHE A 139 -1.73 -4.25 22.27
C PHE A 139 -1.56 -3.80 23.72
N SER A 140 -1.58 -2.48 23.90
CA SER A 140 -1.48 -1.88 25.21
C SER A 140 -2.89 -1.99 25.78
N ALA A 141 -3.88 -1.67 24.94
CA ALA A 141 -5.28 -1.79 25.35
C ALA A 141 -5.55 -3.29 25.26
N GLY A 142 -6.69 -3.72 25.76
CA GLY A 142 -7.01 -5.14 25.72
C GLY A 142 -7.11 -5.73 27.11
N GLY A 143 -7.10 -7.06 27.19
CA GLY A 143 -7.18 -7.72 28.48
C GLY A 143 -7.05 -9.19 28.18
N GLN A 144 -8.17 -9.90 28.13
CA GLN A 144 -8.10 -11.31 27.83
C GLN A 144 -8.12 -11.44 26.32
N ASN A 145 -8.92 -10.60 25.67
CA ASN A 145 -9.01 -10.63 24.23
C ASN A 145 -9.34 -9.25 23.66
N PRO A 146 -8.39 -8.64 22.93
CA PRO A 146 -7.06 -9.16 22.60
C PRO A 146 -6.23 -9.15 23.87
N GLU A 147 -5.21 -10.00 23.92
CA GLU A 147 -4.37 -10.04 25.10
C GLU A 147 -3.57 -8.76 25.20
N SER A 148 -3.61 -8.11 26.36
CA SER A 148 -2.85 -6.89 26.54
C SER A 148 -1.45 -7.29 26.97
N PHE A 149 -0.43 -6.60 26.44
CA PHE A 149 0.92 -6.97 26.86
C PHE A 149 1.18 -6.66 28.33
N TYR A 150 0.29 -5.90 28.97
CA TYR A 150 0.52 -5.62 30.39
C TYR A 150 0.41 -6.92 31.19
N ARG A 151 -0.29 -7.90 30.66
CA ARG A 151 -0.43 -9.17 31.38
C ARG A 151 0.86 -9.97 31.42
N ALA A 152 1.87 -9.53 30.68
CA ALA A 152 3.16 -10.20 30.67
C ALA A 152 3.97 -9.81 31.89
N PHE A 153 3.50 -8.81 32.64
CA PHE A 153 4.22 -8.37 33.83
C PHE A 153 3.64 -8.98 35.10
N VAL A 154 4.51 -9.32 36.03
CA VAL A 154 4.08 -9.91 37.29
C VAL A 154 3.20 -8.96 38.04
N VAL A 155 2.33 -9.50 38.87
CA VAL A 155 1.44 -8.63 39.59
C VAL A 155 2.10 -7.69 40.57
N ASP A 156 3.22 -8.05 41.18
CA ASP A 156 3.84 -7.13 42.11
C ASP A 156 4.45 -5.95 41.34
N ILE A 157 4.93 -6.20 40.13
CA ILE A 157 5.48 -5.13 39.32
C ILE A 157 4.35 -4.21 38.84
N LEU A 158 3.20 -4.76 38.46
CA LEU A 158 2.08 -3.91 38.03
C LEU A 158 1.59 -3.07 39.21
N GLU A 159 1.57 -3.67 40.40
CA GLU A 159 1.14 -2.96 41.60
C GLU A 159 2.06 -1.77 41.89
N SER A 160 3.36 -2.02 41.85
CA SER A 160 4.34 -0.96 42.12
C SER A 160 4.34 0.09 41.01
N ALA A 161 4.24 -0.34 39.76
CA ALA A 161 4.23 0.60 38.65
C ALA A 161 3.03 1.52 38.68
N PHE A 162 1.84 0.94 38.87
CA PHE A 162 0.62 1.74 38.90
C PHE A 162 0.23 2.28 40.27
N ASN A 163 0.97 1.91 41.32
CA ASN A 163 0.65 2.36 42.68
C ASN A 163 -0.81 2.04 42.96
N VAL A 164 -1.23 0.86 42.55
CA VAL A 164 -2.61 0.39 42.70
C VAL A 164 -2.57 -1.04 43.27
N LYS A 165 -3.48 -1.38 44.18
CA LYS A 165 -3.50 -2.71 44.77
C LYS A 165 -3.53 -3.77 43.65
N ARG A 166 -2.70 -4.80 43.79
CA ARG A 166 -2.62 -5.82 42.75
C ARG A 166 -3.92 -6.43 42.25
N ASP A 167 -4.85 -6.73 43.14
CA ASP A 167 -6.09 -7.32 42.65
C ASP A 167 -6.86 -6.35 41.75
N LYS A 168 -6.80 -5.06 42.05
CA LYS A 168 -7.50 -4.05 41.26
C LYS A 168 -6.89 -3.86 39.87
N ILE A 169 -5.56 -3.78 39.81
CA ILE A 169 -4.91 -3.58 38.54
C ILE A 169 -5.01 -4.88 37.69
N GLU A 170 -4.90 -6.06 38.32
CA GLU A 170 -5.04 -7.32 37.58
C GLU A 170 -6.43 -7.36 36.95
N ARG A 171 -7.42 -6.95 37.73
CA ARG A 171 -8.80 -6.95 37.28
C ARG A 171 -8.98 -6.07 36.04
N LEU A 172 -8.36 -4.89 36.06
CA LEU A 172 -8.44 -3.96 34.93
C LEU A 172 -8.03 -4.66 33.64
N PHE A 173 -6.95 -5.42 33.72
CA PHE A 173 -6.44 -6.10 32.55
C PHE A 173 -7.10 -7.42 32.16
N SER A 174 -8.25 -7.73 32.75
CA SER A 174 -8.96 -8.93 32.34
C SER A 174 -10.41 -8.63 31.96
N GLN A 175 -10.80 -7.35 32.00
CA GLN A 175 -12.18 -6.98 31.63
C GLN A 175 -12.52 -7.06 30.14
N GLN A 176 -11.55 -6.71 29.29
CA GLN A 176 -11.77 -6.72 27.84
C GLN A 176 -11.71 -8.13 27.27
N LYS A 177 -12.81 -8.55 26.66
CA LYS A 177 -12.92 -9.88 26.07
C LYS A 177 -13.50 -9.86 24.66
N ALA A 178 -13.87 -8.67 24.21
CA ALA A 178 -14.51 -8.50 22.91
C ALA A 178 -13.66 -8.50 21.64
N GLY A 179 -12.36 -8.41 21.75
CA GLY A 179 -11.55 -8.43 20.55
C GLY A 179 -10.95 -7.08 20.20
N ALA A 180 -10.11 -7.08 19.17
CA ALA A 180 -9.40 -5.89 18.73
C ALA A 180 -10.14 -4.76 17.99
N ILE A 181 -11.26 -5.08 17.34
CA ILE A 181 -12.05 -4.06 16.65
C ILE A 181 -13.47 -4.34 17.09
N ILE A 182 -14.03 -3.36 17.80
CA ILE A 182 -15.36 -3.49 18.37
C ILE A 182 -16.31 -2.35 18.03
N SER A 183 -17.54 -2.45 18.51
CA SER A 183 -18.54 -1.43 18.27
C SER A 183 -18.22 -0.14 19.02
N ALA A 184 -18.48 1.02 18.41
CA ALA A 184 -18.25 2.31 19.10
C ALA A 184 -19.62 2.98 19.22
N SER A 185 -19.95 3.61 20.34
CA SER A 185 -21.26 4.27 20.41
C SER A 185 -21.17 5.60 19.67
N GLY A 186 -22.34 6.12 19.29
CA GLY A 186 -22.39 7.40 18.60
C GLY A 186 -21.78 8.53 19.40
N ALA A 187 -21.94 8.50 20.72
CA ALA A 187 -21.35 9.55 21.54
C ALA A 187 -19.84 9.37 21.45
N GLN A 188 -19.39 8.16 21.79
CA GLN A 188 -17.96 7.81 21.77
C GLN A 188 -17.25 8.24 20.49
N ALA A 189 -17.96 8.17 19.38
CA ALA A 189 -17.44 8.55 18.08
C ALA A 189 -17.17 10.06 18.12
N ALA A 190 -18.18 10.81 18.56
CA ALA A 190 -18.09 12.26 18.67
C ALA A 190 -16.91 12.59 19.57
N ALA A 191 -16.89 11.95 20.73
CA ALA A 191 -15.82 12.18 21.68
C ALA A 191 -14.43 11.79 21.18
N LYS A 192 -14.22 10.56 20.70
CA LYS A 192 -12.86 10.22 20.25
C LYS A 192 -12.32 10.94 19.02
N ALA A 193 -13.19 11.28 18.07
CA ALA A 193 -12.71 11.94 16.85
C ALA A 193 -12.24 13.36 17.15
N GLY A 194 -13.26 14.15 17.43
CA GLY A 194 -13.15 15.54 17.79
C GLY A 194 -12.03 16.40 18.37
N HIS A 195 -10.84 16.36 17.77
CA HIS A 195 -9.71 17.26 18.07
C HIS A 195 -8.92 16.90 16.85
N ALA A 196 -9.55 16.03 16.05
CA ALA A 196 -8.98 15.58 14.79
C ALA A 196 -9.11 16.62 13.66
N SER A 197 -7.99 16.90 13.02
CA SER A 197 -7.96 17.84 11.91
C SER A 197 -8.31 16.97 10.71
N ALA A 198 -9.30 17.51 10.01
CA ALA A 198 -9.98 16.85 8.91
C ALA A 198 -9.56 16.64 7.45
N ALA A 199 -8.62 17.43 6.93
CA ALA A 199 -8.12 17.22 5.59
C ALA A 199 -6.70 16.91 5.98
N GLY A 200 -6.33 17.33 7.21
CA GLY A 200 -4.99 17.09 7.70
C GLY A 200 -4.57 17.95 8.90
N GLY A 201 -4.03 19.13 8.64
CA GLY A 201 -3.62 19.99 9.73
C GLY A 201 -2.61 19.25 10.58
N ALA A 202 -1.42 19.04 10.02
CA ALA A 202 -0.33 18.31 10.69
C ALA A 202 0.02 18.84 12.05
N ALA A 203 0.10 20.16 12.02
CA ALA A 203 0.50 21.02 13.11
C ALA A 203 1.25 21.91 12.11
N ALA A 204 2.17 22.73 12.61
CA ALA A 204 3.08 23.55 11.77
C ALA A 204 4.19 22.68 12.33
N ALA A 205 4.13 21.44 11.86
CA ALA A 205 4.95 20.31 12.32
C ALA A 205 6.46 20.01 12.40
N ALA A 206 6.70 18.96 13.18
CA ALA A 206 8.02 18.35 13.36
C ALA A 206 7.85 16.84 13.25
N ARG A 207 7.65 16.12 14.37
CA ARG A 207 7.52 14.65 14.32
C ARG A 207 6.40 13.94 13.57
N VAL A 208 5.16 13.99 14.05
CA VAL A 208 4.11 13.31 13.29
C VAL A 208 3.24 14.35 12.63
N ALA A 209 3.34 14.39 11.30
CA ALA A 209 2.57 15.32 10.51
C ALA A 209 1.31 14.65 10.01
N GLY A 210 0.38 15.48 9.56
CA GLY A 210 -0.87 14.97 9.07
C GLY A 210 -0.78 14.34 7.70
N PRO A 211 -1.91 13.86 7.21
CA PRO A 211 -1.99 13.23 5.90
C PRO A 211 -1.87 14.23 4.77
N PHE A 212 -1.56 13.69 3.58
CA PHE A 212 -1.50 14.49 2.37
C PHE A 212 -2.34 13.69 1.37
N ASN A 213 -2.85 14.38 0.37
CA ASN A 213 -3.74 13.77 -0.61
C ASN A 213 -3.50 14.42 -1.96
N LEU A 214 -3.25 13.62 -2.98
CA LEU A 214 -2.99 14.14 -4.32
C LEU A 214 -4.12 13.90 -5.30
N MET A 215 -5.25 13.41 -4.83
CA MET A 215 -6.27 13.12 -5.82
C MET A 215 -6.88 14.26 -6.62
N LYS A 216 -6.69 15.51 -6.20
CA LYS A 216 -7.22 16.63 -6.97
C LYS A 216 -6.18 17.27 -7.88
N GLU A 217 -4.95 16.78 -7.81
CA GLU A 217 -3.89 17.30 -8.64
C GLU A 217 -3.95 16.72 -10.03
N VAL A 218 -3.26 17.36 -10.96
CA VAL A 218 -3.19 16.90 -12.33
C VAL A 218 -2.35 15.64 -12.29
N PRO A 219 -2.71 14.62 -13.09
CA PRO A 219 -1.92 13.37 -13.10
C PRO A 219 -0.53 13.62 -13.65
N GLU A 220 0.45 12.83 -13.25
CA GLU A 220 1.78 13.01 -13.81
C GLU A 220 1.72 12.52 -15.26
N PHE A 221 1.03 11.40 -15.47
CA PHE A 221 0.84 10.81 -16.80
C PHE A 221 -0.65 10.56 -16.93
N GLY A 222 -1.25 11.01 -18.00
CA GLY A 222 -2.67 10.76 -18.12
C GLY A 222 -3.14 10.90 -19.54
N SER A 223 -4.30 10.34 -19.81
CA SER A 223 -4.92 10.42 -21.14
C SER A 223 -6.38 10.09 -20.92
N ALA A 224 -7.15 10.03 -22.00
CA ALA A 224 -8.57 9.73 -21.85
C ALA A 224 -8.80 8.32 -21.35
N PHE A 225 -7.75 7.49 -21.32
CA PHE A 225 -7.92 6.12 -20.87
C PHE A 225 -7.31 5.76 -19.52
N GLY A 226 -6.70 6.73 -18.86
CA GLY A 226 -6.10 6.41 -17.58
C GLY A 226 -5.35 7.55 -16.93
N GLN A 227 -5.01 7.36 -15.66
CA GLN A 227 -4.31 8.37 -14.91
C GLN A 227 -3.28 7.77 -13.95
N PHE A 228 -2.15 8.45 -13.78
CA PHE A 228 -1.11 8.00 -12.85
C PHE A 228 -0.68 9.21 -12.03
N GLN A 229 -0.79 9.07 -10.71
CA GLN A 229 -0.42 10.11 -9.75
C GLN A 229 0.50 9.46 -8.73
N GLU A 230 1.55 10.16 -8.32
CA GLU A 230 2.46 9.54 -7.36
C GLU A 230 3.03 10.51 -6.35
N ALA A 231 3.14 10.05 -5.10
CA ALA A 231 3.70 10.86 -4.03
C ALA A 231 5.11 10.27 -3.92
N ALA A 232 6.09 11.04 -4.35
CA ALA A 232 7.50 10.63 -4.34
C ALA A 232 8.25 11.21 -3.16
N PRO A 233 9.34 10.54 -2.74
CA PRO A 233 10.13 11.04 -1.62
C PRO A 233 10.84 12.32 -2.01
N GLN A 234 10.95 12.57 -3.32
CA GLN A 234 11.59 13.79 -3.79
C GLN A 234 10.75 14.97 -3.34
N ARG A 235 9.43 14.79 -3.42
CA ARG A 235 8.50 15.85 -3.04
C ARG A 235 8.00 15.83 -1.60
N HIS A 236 7.75 14.64 -1.09
CA HIS A 236 7.24 14.48 0.27
C HIS A 236 8.33 13.96 1.23
N VAL A 237 8.88 14.86 2.05
CA VAL A 237 9.94 14.53 3.00
C VAL A 237 9.57 13.39 3.95
N GLN A 238 8.30 13.26 4.30
CA GLN A 238 7.88 12.19 5.21
C GLN A 238 8.15 10.82 4.64
N LEU A 239 8.34 10.71 3.33
CA LEU A 239 8.58 9.41 2.72
C LEU A 239 10.05 9.10 2.52
N ARG A 240 10.93 10.06 2.79
CA ARG A 240 12.36 9.85 2.57
C ARG A 240 13.08 8.79 3.41
N ASP A 241 12.73 8.68 4.68
CA ASP A 241 13.38 7.70 5.53
C ASP A 241 13.18 6.28 5.04
N LEU A 242 11.98 5.97 4.59
CA LEU A 242 11.69 4.65 4.06
C LEU A 242 12.09 4.54 2.59
N ASP A 243 12.29 5.71 1.96
CA ASP A 243 12.62 5.80 0.53
C ASP A 243 11.53 5.08 -0.24
N ALA A 244 10.30 5.45 0.09
CA ALA A 244 9.12 4.87 -0.52
C ALA A 244 8.28 5.89 -1.27
N ALA A 245 7.45 5.38 -2.17
CA ALA A 245 6.54 6.22 -2.94
C ALA A 245 5.18 5.57 -2.85
N VAL A 246 4.14 6.36 -3.06
CA VAL A 246 2.79 5.84 -3.06
C VAL A 246 2.21 6.29 -4.39
N ALA A 247 1.91 5.30 -5.21
CA ALA A 247 1.37 5.55 -6.55
C ALA A 247 -0.09 5.16 -6.66
N PHE A 248 -0.83 5.95 -7.45
CA PHE A 248 -2.24 5.72 -7.68
C PHE A 248 -2.41 5.61 -9.18
N MET A 249 -2.85 4.46 -9.65
CA MET A 249 -3.06 4.31 -11.08
C MET A 249 -4.49 3.86 -11.35
N ASN A 250 -5.11 4.52 -12.32
CA ASN A 250 -6.46 4.16 -12.71
C ASN A 250 -6.48 3.97 -14.21
N ILE A 251 -7.02 2.84 -14.63
CA ILE A 251 -7.15 2.55 -16.05
C ILE A 251 -8.64 2.49 -16.30
N ASN A 252 -9.14 3.34 -17.20
CA ASN A 252 -10.56 3.38 -17.49
C ASN A 252 -11.04 2.08 -18.12
N SER A 253 -12.34 1.79 -18.01
CA SER A 253 -12.84 0.55 -18.57
C SER A 253 -12.48 0.54 -20.06
N GLY A 254 -12.07 -0.63 -20.55
CA GLY A 254 -11.70 -0.75 -21.95
C GLY A 254 -10.32 -0.18 -22.25
N GLY A 255 -9.60 0.26 -21.21
CA GLY A 255 -8.28 0.80 -21.47
C GLY A 255 -7.13 -0.09 -21.05
N MET A 256 -5.91 0.38 -21.30
CA MET A 256 -4.71 -0.35 -20.93
C MET A 256 -3.61 0.66 -20.69
N VAL A 257 -2.65 0.31 -19.85
CA VAL A 257 -1.53 1.22 -19.67
C VAL A 257 -0.51 0.63 -20.64
N LEU A 258 0.12 1.49 -21.43
CA LEU A 258 1.12 1.02 -22.40
C LEU A 258 2.28 0.37 -21.68
N PRO A 259 2.91 -0.62 -22.31
CA PRO A 259 4.04 -1.28 -21.64
C PRO A 259 5.07 -0.26 -21.14
N TYR A 260 5.58 -0.48 -19.94
CA TYR A 260 6.57 0.42 -19.36
C TYR A 260 7.37 -0.34 -18.33
N TYR A 261 8.41 0.31 -17.80
CA TYR A 261 9.17 -0.28 -16.70
C TYR A 261 9.65 0.84 -15.79
N ASN A 262 9.89 0.47 -14.55
CA ASN A 262 10.38 1.42 -13.54
C ASN A 262 11.88 1.26 -13.53
N SER A 263 12.60 2.37 -13.56
CA SER A 263 14.05 2.30 -13.61
C SER A 263 14.73 1.66 -12.41
N ARG A 264 14.27 1.92 -11.20
CA ARG A 264 14.93 1.31 -10.05
C ARG A 264 14.03 0.86 -8.90
N SER A 265 12.79 1.32 -8.91
CA SER A 265 11.84 0.99 -7.85
C SER A 265 10.99 -0.26 -8.07
N THR A 266 10.95 -1.10 -7.05
CA THR A 266 10.13 -2.32 -7.09
C THR A 266 8.79 -1.84 -6.59
N ARG A 267 7.71 -2.28 -7.22
CA ARG A 267 6.38 -1.83 -6.82
C ARG A 267 5.55 -2.97 -6.25
N VAL A 268 4.82 -2.70 -5.18
CA VAL A 268 3.94 -3.68 -4.58
C VAL A 268 2.58 -3.06 -4.82
N VAL A 269 1.93 -3.59 -5.85
CA VAL A 269 0.64 -3.12 -6.34
C VAL A 269 -0.57 -3.87 -5.78
N ALA A 270 -1.53 -3.16 -5.20
CA ALA A 270 -2.72 -3.80 -4.66
C ALA A 270 -3.95 -3.28 -5.40
N VAL A 271 -4.78 -4.19 -5.87
CA VAL A 271 -5.98 -3.81 -6.60
C VAL A 271 -7.07 -3.33 -5.66
N VAL A 272 -7.64 -2.18 -5.97
CA VAL A 272 -8.70 -1.64 -5.13
C VAL A 272 -10.05 -1.67 -5.83
N GLU A 273 -10.05 -1.61 -7.16
CA GLU A 273 -11.29 -1.65 -7.95
C GLU A 273 -11.06 -2.37 -9.26
N GLY A 274 -12.06 -3.11 -9.69
CA GLY A 274 -11.97 -3.79 -10.97
C GLY A 274 -11.09 -5.01 -11.16
N ASN A 275 -10.83 -5.29 -12.43
CA ASN A 275 -10.03 -6.43 -12.85
C ASN A 275 -9.12 -6.08 -14.00
N ALA A 276 -8.02 -6.81 -14.10
CA ALA A 276 -7.09 -6.61 -15.19
C ALA A 276 -6.28 -7.85 -15.51
N ARG A 277 -5.82 -7.87 -16.75
CA ARG A 277 -4.99 -8.91 -17.34
C ARG A 277 -3.62 -8.24 -17.25
N PHE A 278 -2.58 -8.95 -16.83
CA PHE A 278 -1.25 -8.31 -16.81
C PHE A 278 -0.28 -9.21 -17.54
N GLU A 279 0.73 -8.60 -18.15
CA GLU A 279 1.78 -9.34 -18.83
C GLU A 279 3.07 -8.65 -18.47
N MET A 280 4.03 -9.44 -17.99
CA MET A 280 5.32 -8.94 -17.58
C MET A 280 6.41 -9.76 -18.28
N ALA A 281 7.54 -9.13 -18.55
CA ALA A 281 8.68 -9.80 -19.18
C ALA A 281 9.72 -10.00 -18.08
N CYS A 282 10.05 -11.25 -17.77
CA CYS A 282 11.01 -11.53 -16.70
C CYS A 282 12.20 -12.34 -17.18
N PRO A 283 13.42 -11.81 -17.02
CA PRO A 283 14.55 -12.62 -17.49
C PRO A 283 14.99 -13.69 -16.50
N HIS A 284 14.64 -13.54 -15.22
CA HIS A 284 15.04 -14.51 -14.21
C HIS A 284 14.36 -15.87 -14.35
N LEU A 285 13.04 -15.86 -14.48
CA LEU A 285 12.27 -17.08 -14.62
C LEU A 285 12.57 -17.65 -16.00
N GLY A 286 12.94 -16.79 -16.93
CA GLY A 286 13.23 -17.28 -18.26
C GLY A 286 14.71 -17.62 -18.41
N ALA A 287 15.55 -16.66 -18.02
CA ALA A 287 17.00 -16.77 -18.12
C ALA A 287 17.79 -16.74 -16.80
N ALA A 297 23.41 -19.46 -20.96
CA ALA A 297 23.92 -18.10 -20.91
C ALA A 297 22.90 -17.06 -21.39
N VAL A 298 22.73 -17.01 -22.70
CA VAL A 298 21.84 -16.06 -23.38
C VAL A 298 20.48 -15.78 -22.72
N VAL A 299 20.11 -14.51 -22.69
CA VAL A 299 18.86 -14.12 -22.06
C VAL A 299 17.57 -14.48 -22.82
N HIS A 300 16.57 -14.84 -22.05
CA HIS A 300 15.25 -15.19 -22.54
C HIS A 300 14.31 -14.52 -21.55
N TYR A 301 13.22 -13.95 -22.05
CA TYR A 301 12.27 -13.29 -21.19
C TYR A 301 11.03 -14.16 -21.03
N ALA A 302 10.79 -14.63 -19.81
CA ALA A 302 9.63 -15.46 -19.54
C ALA A 302 8.39 -14.61 -19.61
N LYS A 303 7.33 -15.17 -20.17
CA LYS A 303 6.07 -14.45 -20.27
C LYS A 303 5.31 -14.70 -18.96
N VAL A 304 5.41 -13.75 -18.03
CA VAL A 304 4.75 -13.84 -16.74
C VAL A 304 3.40 -13.15 -16.85
N ARG A 305 2.34 -13.93 -16.79
CA ARG A 305 1.01 -13.39 -16.95
C ARG A 305 -0.01 -13.85 -15.95
N GLY A 306 -1.12 -13.12 -15.87
CA GLY A 306 -2.16 -13.51 -14.96
C GLY A 306 -3.28 -12.50 -14.95
N ASN A 307 -4.19 -12.71 -14.04
CA ASN A 307 -5.29 -11.80 -13.90
C ASN A 307 -5.29 -11.34 -12.46
N LEU A 308 -5.71 -10.09 -12.28
CA LEU A 308 -5.75 -9.45 -10.98
C LEU A 308 -7.15 -9.02 -10.62
N ASN A 309 -7.53 -9.30 -9.37
CA ASN A 309 -8.84 -8.96 -8.84
C ASN A 309 -8.65 -8.11 -7.59
N VAL A 310 -9.74 -7.50 -7.13
CA VAL A 310 -9.70 -6.68 -5.94
C VAL A 310 -9.04 -7.41 -4.77
N GLY A 311 -8.09 -6.73 -4.13
CA GLY A 311 -7.39 -7.32 -2.99
C GLY A 311 -6.12 -8.08 -3.33
N ASP A 312 -5.93 -8.39 -4.61
CA ASP A 312 -4.74 -9.12 -5.04
C ASP A 312 -3.55 -8.18 -5.07
N VAL A 313 -2.36 -8.77 -4.98
CA VAL A 313 -1.12 -8.01 -5.02
C VAL A 313 -0.19 -8.54 -6.10
N LEU A 314 0.47 -7.63 -6.81
CA LEU A 314 1.45 -8.04 -7.82
C LEU A 314 2.70 -7.24 -7.51
N VAL A 315 3.81 -7.94 -7.40
CA VAL A 315 5.07 -7.27 -7.15
C VAL A 315 5.73 -7.11 -8.51
N ILE A 316 6.08 -5.88 -8.86
CA ILE A 316 6.74 -5.60 -10.14
C ILE A 316 8.19 -5.26 -9.83
N PRO A 317 9.12 -6.19 -10.09
CA PRO A 317 10.53 -5.88 -9.81
C PRO A 317 11.01 -4.75 -10.71
N ALA A 318 12.02 -4.01 -10.24
CA ALA A 318 12.57 -2.91 -11.02
C ALA A 318 13.08 -3.42 -12.37
N GLY A 319 12.97 -2.56 -13.39
CA GLY A 319 13.44 -2.90 -14.72
C GLY A 319 12.60 -3.83 -15.55
N HIS A 320 11.61 -4.46 -14.93
CA HIS A 320 10.75 -5.40 -15.64
C HIS A 320 9.62 -4.77 -16.45
N PRO A 321 9.60 -5.00 -17.77
CA PRO A 321 8.54 -4.43 -18.61
C PRO A 321 7.21 -5.03 -18.15
N ILE A 322 6.19 -4.18 -18.06
CA ILE A 322 4.87 -4.61 -17.59
C ILE A 322 3.74 -3.83 -18.26
N THR A 323 2.60 -4.48 -18.41
CA THR A 323 1.40 -3.84 -18.97
C THR A 323 0.20 -4.43 -18.25
N PHE A 324 -0.83 -3.61 -18.09
CA PHE A 324 -2.09 -4.01 -17.47
C PHE A 324 -3.19 -3.63 -18.42
N VAL A 325 -4.14 -4.55 -18.61
CA VAL A 325 -5.26 -4.32 -19.50
C VAL A 325 -6.54 -4.47 -18.67
N ALA A 326 -7.32 -3.40 -18.56
CA ALA A 326 -8.56 -3.46 -17.80
C ALA A 326 -9.52 -4.40 -18.51
N VAL A 327 -10.24 -5.21 -17.74
CA VAL A 327 -11.19 -6.14 -18.32
C VAL A 327 -12.56 -5.96 -17.66
N ALA A 328 -13.59 -6.34 -18.41
CA ALA A 328 -14.99 -6.25 -18.00
C ALA A 328 -15.50 -4.83 -17.94
N GLY A 329 -16.54 -4.66 -17.13
CA GLY A 329 -17.18 -3.36 -16.98
C GLY A 329 -16.88 -2.56 -15.73
N SER A 330 -15.61 -2.23 -15.56
CA SER A 330 -15.19 -1.44 -14.43
C SER A 330 -13.87 -0.83 -14.81
N ASP A 331 -13.56 0.27 -14.17
CA ASP A 331 -12.27 0.89 -14.41
C ASP A 331 -11.45 -0.05 -13.52
N PHE A 332 -10.13 -0.05 -13.69
CA PHE A 332 -9.25 -0.88 -12.88
C PHE A 332 -8.38 0.10 -12.08
N ARG A 333 -8.50 0.08 -10.77
CA ARG A 333 -7.74 0.99 -9.93
C ARG A 333 -6.82 0.26 -8.96
N VAL A 334 -5.59 0.76 -8.84
CA VAL A 334 -4.62 0.16 -7.93
C VAL A 334 -3.86 1.21 -7.14
N VAL A 335 -3.30 0.77 -6.03
CA VAL A 335 -2.46 1.61 -5.20
C VAL A 335 -1.17 0.83 -5.21
N GLY A 336 -0.08 1.52 -5.50
CA GLY A 336 1.18 0.84 -5.52
C GLY A 336 2.17 1.45 -4.55
N PHE A 337 2.90 0.62 -3.83
CA PHE A 337 3.90 1.14 -2.91
C PHE A 337 5.21 0.93 -3.65
N GLY A 338 6.01 2.00 -3.71
CA GLY A 338 7.30 1.91 -4.38
C GLY A 338 8.42 1.82 -3.37
N ILE A 339 9.29 0.84 -3.54
CA ILE A 339 10.44 0.63 -2.65
C ILE A 339 11.67 1.10 -3.46
N ASP A 340 12.66 1.71 -2.80
CA ASP A 340 13.85 2.27 -3.48
C ASP A 340 13.33 3.31 -4.46
N ALA A 341 12.42 4.14 -3.97
CA ALA A 341 11.75 5.15 -4.80
C ALA A 341 12.51 6.35 -5.30
N GLU A 342 13.40 6.91 -4.47
CA GLU A 342 14.14 8.07 -4.91
C GLU A 342 14.88 7.80 -6.22
N HIS A 343 14.76 8.76 -7.14
CA HIS A 343 15.41 8.71 -8.45
C HIS A 343 14.74 7.75 -9.44
N ASN A 344 13.62 7.14 -9.05
CA ASN A 344 12.93 6.22 -9.96
C ASN A 344 12.25 6.99 -11.09
N LYS A 345 12.31 6.42 -12.29
CA LYS A 345 11.67 7.03 -13.45
C LYS A 345 10.88 5.97 -14.21
N LYS A 346 9.73 6.38 -14.75
CA LYS A 346 8.89 5.49 -15.54
C LYS A 346 9.42 5.63 -16.96
N ASN A 347 9.60 4.49 -17.61
CA ASN A 347 10.09 4.46 -18.99
C ASN A 347 9.05 3.76 -19.84
N PHE A 348 8.33 4.51 -20.67
CA PHE A 348 7.34 3.88 -21.52
C PHE A 348 7.97 3.28 -22.75
N LEU A 349 7.41 2.15 -23.17
CA LEU A 349 7.94 1.38 -24.28
C LEU A 349 7.19 1.47 -25.62
N ALA A 350 6.10 2.22 -25.62
CA ALA A 350 5.29 2.45 -26.82
C ALA A 350 4.51 3.72 -26.53
N GLY A 351 3.94 4.33 -27.57
CA GLY A 351 3.20 5.55 -27.37
C GLY A 351 3.96 6.75 -27.88
N LYS A 352 3.27 7.88 -28.04
CA LYS A 352 3.93 9.07 -28.52
C LYS A 352 5.13 9.44 -27.65
N GLN A 353 4.97 9.37 -26.32
CA GLN A 353 6.09 9.66 -25.43
C GLN A 353 6.62 8.32 -24.95
N ASN A 354 7.79 7.94 -25.44
CA ASN A 354 8.38 6.67 -25.02
C ASN A 354 9.88 6.76 -25.21
N ILE A 355 10.63 5.79 -24.70
CA ILE A 355 12.08 5.89 -24.80
C ILE A 355 12.65 5.96 -26.21
N TRP A 356 11.95 5.40 -27.20
CA TRP A 356 12.46 5.45 -28.55
C TRP A 356 12.47 6.86 -29.15
N ARG A 357 11.73 7.77 -28.54
CA ARG A 357 11.72 9.17 -29.00
C ARG A 357 13.13 9.70 -28.83
N ASN A 358 13.88 9.09 -27.91
CA ASN A 358 15.23 9.53 -27.60
C ASN A 358 16.36 8.65 -28.12
N ILE A 359 16.05 7.88 -29.15
CA ILE A 359 17.02 7.02 -29.80
C ILE A 359 17.02 7.46 -31.26
N ASP A 360 18.22 7.66 -31.80
CA ASP A 360 18.34 8.13 -33.18
C ASP A 360 17.92 7.13 -34.25
N ARG A 361 17.62 7.65 -35.43
CA ARG A 361 17.18 6.82 -36.54
C ARG A 361 18.13 5.69 -36.93
N GLU A 362 19.41 5.99 -37.00
CA GLU A 362 20.37 4.98 -37.39
C GLU A 362 20.46 3.86 -36.34
N ALA A 363 20.31 4.23 -35.06
CA ALA A 363 20.35 3.23 -34.00
C ALA A 363 19.10 2.34 -34.10
N LYS A 364 17.98 2.90 -34.54
CA LYS A 364 16.76 2.09 -34.68
C LYS A 364 16.96 1.11 -35.83
N GLU A 365 17.58 1.59 -36.90
CA GLU A 365 17.85 0.75 -38.06
C GLU A 365 18.72 -0.45 -37.66
N LEU A 366 19.77 -0.19 -36.88
CA LEU A 366 20.65 -1.26 -36.45
C LEU A 366 19.96 -2.17 -35.43
N SER A 367 19.08 -1.59 -34.63
CA SER A 367 18.37 -2.34 -33.59
C SER A 367 17.50 -3.46 -34.16
N PHE A 368 16.77 -3.12 -35.21
CA PHE A 368 15.83 -4.07 -35.79
C PHE A 368 16.12 -4.62 -37.19
N ASP A 369 17.29 -4.30 -37.73
CA ASP A 369 17.67 -4.77 -39.05
C ASP A 369 16.57 -4.47 -40.06
N MET A 370 16.13 -3.22 -40.05
CA MET A 370 15.08 -2.72 -40.94
C MET A 370 15.41 -1.25 -41.21
N PRO A 371 14.95 -0.71 -42.35
CA PRO A 371 15.24 0.69 -42.63
C PRO A 371 14.77 1.60 -41.48
N GLY A 372 15.65 2.49 -41.03
CA GLY A 372 15.31 3.40 -39.93
C GLY A 372 14.01 4.17 -40.05
N ALA A 373 13.70 4.66 -41.25
CA ALA A 373 12.48 5.42 -41.47
C ALA A 373 11.27 4.51 -41.29
N GLU A 374 11.44 3.23 -41.61
CA GLU A 374 10.32 2.31 -41.48
C GLU A 374 10.08 2.03 -39.99
N VAL A 375 11.15 1.84 -39.23
CA VAL A 375 11.00 1.60 -37.81
C VAL A 375 10.33 2.84 -37.20
N GLU A 376 10.77 4.02 -37.61
CA GLU A 376 10.18 5.25 -37.05
C GLU A 376 8.72 5.39 -37.42
N GLU A 377 8.36 5.03 -38.64
CA GLU A 377 6.97 5.08 -39.08
C GLU A 377 6.13 4.18 -38.15
N ILE A 378 6.60 2.96 -37.90
CA ILE A 378 5.84 2.05 -37.04
C ILE A 378 5.72 2.60 -35.62
N PHE A 379 6.82 3.15 -35.09
CA PHE A 379 6.79 3.69 -33.75
C PHE A 379 5.98 4.98 -33.59
N ALA A 380 5.65 5.63 -34.71
CA ALA A 380 4.86 6.86 -34.66
C ALA A 380 3.37 6.61 -34.87
N LYS A 381 2.98 5.37 -35.21
CA LYS A 381 1.57 5.10 -35.43
C LYS A 381 0.69 5.32 -34.21
N GLN A 382 1.24 5.13 -33.01
CA GLN A 382 0.48 5.35 -31.79
C GLN A 382 0.64 6.82 -31.42
N ILE A 383 -0.40 7.59 -31.72
CA ILE A 383 -0.41 9.02 -31.49
C ILE A 383 -0.72 9.41 -30.04
N LEU A 384 -1.18 8.44 -29.25
CA LEU A 384 -1.52 8.67 -27.85
C LEU A 384 -0.39 8.20 -26.95
N SER A 385 -0.42 8.64 -25.70
CA SER A 385 0.61 8.26 -24.74
C SER A 385 0.00 7.73 -23.45
N TYR A 386 0.83 6.96 -22.75
CA TYR A 386 0.53 6.38 -21.45
C TYR A 386 -0.60 5.37 -21.31
N PHE A 387 -1.82 5.76 -21.66
CA PHE A 387 -2.95 4.84 -21.58
C PHE A 387 -3.72 4.96 -22.89
N VAL A 388 -4.11 3.82 -23.45
CA VAL A 388 -4.85 3.79 -24.71
C VAL A 388 -5.93 2.71 -24.63
N ALA A 389 -6.73 2.59 -25.69
CA ALA A 389 -7.77 1.57 -25.70
C ALA A 389 -7.10 0.21 -25.74
N GLY A 390 -7.63 -0.73 -24.95
CA GLY A 390 -7.06 -2.06 -24.93
C GLY A 390 -7.61 -2.86 -26.08
N PRO A 391 -7.15 -4.10 -26.27
CA PRO A 391 -7.61 -4.99 -27.35
C PRO A 391 -9.10 -5.29 -27.23
N ALA A 392 -9.82 -5.37 -28.34
CA ALA A 392 -11.23 -5.73 -28.25
C ALA A 392 -11.77 -6.30 -29.55
MG MG B . -13.55 -9.80 11.31
C ACT C . 3.58 1.77 -11.08
O ACT C . 4.17 2.55 -10.03
OXT ACT C . 4.55 0.87 -11.60
CH3 ACT C . 2.43 0.97 -10.47
N PCA D . 1.17 -0.72 11.62
CA PCA D . -0.28 -1.03 11.64
CB PCA D . -0.36 -2.55 11.52
CG PCA D . 1.07 -2.97 11.20
CD PCA D . 1.85 -1.83 11.29
OE PCA D . 3.09 -1.85 11.20
C PCA D . -0.83 -0.67 12.86
O PCA D . -0.04 -0.27 13.75
OXT PCA D . -2.08 -0.66 12.95
#